data_7P4Q
#
_entry.id   7P4Q
#
_cell.length_a   55.740
_cell.length_b   49.330
_cell.length_c   62.240
_cell.angle_alpha   90.000
_cell.angle_beta   108.140
_cell.angle_gamma   90.000
#
_symmetry.space_group_name_H-M   'P 1 21 1'
#
loop_
_entity.id
_entity.type
_entity.pdbx_description
1 polymer 'Quinolinate synthase A'
2 non-polymer 'IRON/SULFUR CLUSTER'
3 non-polymer 'CITRATE ANION'
4 non-polymer 'FE3-S4 CLUSTER'
5 non-polymer GLYCEROL
6 non-polymer 'CHLORIDE ION'
7 water water
#
_entity_poly.entity_id   1
_entity_poly.type   'polypeptide(L)'
_entity_poly.pdbx_seq_one_letter_code
;MHHHHHHMVDEILKLKKEKGYIILAHNYQIPELQDIADFVGDSLQLARKAMELSEKKILFLGVDFMAELVKILNPDKKVI
VPDRSATCPMANRLTPEIIREYREKFPDAPVVLYVNSTSECKTLADVICTAANAVEVVKKLDSSVVIFGPDRNLGEYVAE
KTGKKVITIPENGHCPVHQFNAESIDAVRKKYPDAKVIVHPECPKPVRDKADYVGSTGQMEKIPERDPSRIFVIGTEIGM
IHKLKKKFPDREFVPLEMAVCVNMKKNTLENTLHALQTESFEVILPKEVIEKAKKPILRMFELMG
;
_entity_poly.pdbx_strand_id   A
#
loop_
_chem_comp.id
_chem_comp.type
_chem_comp.name
_chem_comp.formula
CL non-polymer 'CHLORIDE ION' 'Cl -1'
F3S non-polymer 'FE3-S4 CLUSTER' 'Fe3 S4'
FLC non-polymer 'CITRATE ANION' 'C6 H5 O7 -3'
GOL non-polymer GLYCEROL 'C3 H8 O3'
SF4 non-polymer 'IRON/SULFUR CLUSTER' 'Fe4 S4'
#
# COMPACT_ATOMS: atom_id res chain seq x y z
N HIS A 3 5.15 3.52 32.25
CA HIS A 3 4.19 4.21 31.41
C HIS A 3 3.00 3.30 31.08
N HIS A 4 1.85 3.93 30.80
CA HIS A 4 0.69 3.20 30.34
C HIS A 4 0.97 2.49 29.02
N HIS A 5 1.84 3.07 28.18
CA HIS A 5 2.24 2.41 26.95
C HIS A 5 3.12 1.20 27.23
N HIS A 6 3.98 1.27 28.25
CA HIS A 6 4.81 0.13 28.57
C HIS A 6 3.98 -1.04 29.08
N HIS A 7 2.92 -0.76 29.85
CA HIS A 7 2.00 -1.81 30.24
C HIS A 7 1.29 -2.40 29.03
N MET A 8 0.88 -1.55 28.09
CA MET A 8 0.17 -2.01 26.90
C MET A 8 1.05 -2.88 26.03
N VAL A 9 2.26 -2.40 25.73
CA VAL A 9 3.18 -3.16 24.88
C VAL A 9 3.45 -4.53 25.50
N ASP A 10 3.70 -4.57 26.81
CA ASP A 10 3.93 -5.84 27.50
C ASP A 10 2.74 -6.77 27.33
N GLU A 11 1.53 -6.26 27.59
CA GLU A 11 0.33 -7.09 27.47
C GLU A 11 0.11 -7.54 26.03
N ILE A 12 0.44 -6.67 25.05
CA ILE A 12 0.29 -7.04 23.66
C ILE A 12 1.22 -8.20 23.31
N LEU A 13 2.51 -8.05 23.63
CA LEU A 13 3.46 -9.13 23.37
C LEU A 13 3.07 -10.39 24.12
N LYS A 14 2.54 -10.25 25.34
CA LYS A 14 2.08 -11.41 26.09
C LYS A 14 0.95 -12.11 25.36
N LEU A 15 -0.10 -11.36 25.00
CA LEU A 15 -1.28 -11.96 24.38
C LEU A 15 -0.96 -12.52 22.99
N LYS A 16 -0.10 -11.86 22.23
CA LYS A 16 0.19 -12.35 20.88
C LYS A 16 0.97 -13.66 20.93
N LYS A 17 1.78 -13.87 21.97
CA LYS A 17 2.48 -15.15 22.11
C LYS A 17 1.53 -16.22 22.61
N GLU A 18 0.73 -15.90 23.63
CA GLU A 18 -0.18 -16.88 24.21
C GLU A 18 -1.22 -17.36 23.20
N LYS A 19 -1.71 -16.46 22.36
CA LYS A 19 -2.79 -16.76 21.44
C LYS A 19 -2.31 -17.09 20.03
N GLY A 20 -1.00 -17.09 19.80
CA GLY A 20 -0.46 -17.54 18.53
C GLY A 20 -0.71 -16.60 17.37
N TYR A 21 -0.65 -15.29 17.59
CA TYR A 21 -0.86 -14.31 16.56
C TYR A 21 0.46 -13.80 16.02
N ILE A 22 0.52 -13.65 14.69
CA ILE A 22 1.59 -12.92 14.02
C ILE A 22 1.06 -11.54 13.67
N ILE A 23 1.79 -10.49 14.05
CA ILE A 23 1.38 -9.12 13.80
C ILE A 23 2.04 -8.62 12.53
N LEU A 24 1.23 -8.16 11.59
CA LEU A 24 1.69 -7.57 10.34
C LEU A 24 1.23 -6.12 10.30
N ALA A 25 2.17 -5.20 10.11
CA ALA A 25 1.90 -3.78 10.12
C ALA A 25 2.33 -3.16 8.81
N HIS A 26 1.52 -2.23 8.30
CA HIS A 26 1.88 -1.51 7.09
C HIS A 26 2.85 -0.37 7.42
N ASN A 27 3.57 0.09 6.39
CA ASN A 27 4.57 1.13 6.55
C ASN A 27 4.00 2.45 7.05
N TYR A 28 2.69 2.63 7.03
CA TYR A 28 2.08 3.90 7.43
C TYR A 28 1.52 3.86 8.85
N GLN A 29 1.67 2.75 9.57
CA GLN A 29 1.23 2.70 10.95
C GLN A 29 2.14 3.57 11.82
N ILE A 30 1.63 3.92 12.99
CA ILE A 30 2.39 4.73 13.94
C ILE A 30 3.62 3.94 14.36
N PRO A 31 4.70 4.61 14.80
CA PRO A 31 5.91 3.87 15.16
C PRO A 31 5.70 2.88 16.29
N GLU A 32 4.80 3.17 17.23
CA GLU A 32 4.59 2.28 18.36
C GLU A 32 4.00 0.94 17.93
N LEU A 33 3.24 0.92 16.83
CA LEU A 33 2.70 -0.33 16.31
C LEU A 33 3.68 -1.02 15.38
N GLN A 34 4.45 -0.26 14.58
CA GLN A 34 5.51 -0.84 13.78
C GLN A 34 6.50 -1.60 14.65
N ASP A 35 6.76 -1.09 15.85
CA ASP A 35 7.77 -1.67 16.73
C ASP A 35 7.31 -2.98 17.37
N ILE A 36 6.01 -3.15 17.58
CA ILE A 36 5.50 -4.40 18.15
C ILE A 36 5.10 -5.41 17.10
N ALA A 37 5.25 -5.08 15.82
CA ALA A 37 4.89 -5.99 14.75
C ALA A 37 6.01 -7.00 14.50
N ASP A 38 5.61 -8.17 14.01
CA ASP A 38 6.58 -9.16 13.56
C ASP A 38 7.15 -8.81 12.20
N PHE A 39 6.37 -8.10 11.36
CA PHE A 39 6.82 -7.69 10.04
C PHE A 39 6.16 -6.38 9.67
N VAL A 40 6.94 -5.51 9.01
CA VAL A 40 6.46 -4.22 8.55
C VAL A 40 6.82 -4.09 7.08
N GLY A 41 5.82 -3.80 6.25
CA GLY A 41 6.06 -3.68 4.82
C GLY A 41 4.86 -3.09 4.12
N ASP A 42 4.87 -3.17 2.79
CA ASP A 42 3.72 -2.72 2.02
C ASP A 42 2.68 -3.85 1.95
N SER A 43 1.55 -3.57 1.29
CA SER A 43 0.41 -4.47 1.37
C SER A 43 0.71 -5.83 0.75
N LEU A 44 1.33 -5.86 -0.43
CA LEU A 44 1.61 -7.14 -1.08
C LEU A 44 2.71 -7.89 -0.37
N GLN A 45 3.72 -7.17 0.13
CA GLN A 45 4.79 -7.81 0.91
C GLN A 45 4.22 -8.55 2.11
N LEU A 46 3.29 -7.93 2.83
CA LEU A 46 2.73 -8.54 4.03
C LEU A 46 1.85 -9.73 3.68
N ALA A 47 1.10 -9.64 2.58
CA ALA A 47 0.27 -10.76 2.16
C ALA A 47 1.11 -11.97 1.76
N ARG A 48 2.22 -11.73 1.05
CA ARG A 48 3.07 -12.83 0.64
C ARG A 48 3.85 -13.40 1.82
N LYS A 49 4.21 -12.55 2.79
CA LYS A 49 4.87 -13.04 3.99
C LYS A 49 3.96 -13.99 4.76
N ALA A 50 2.68 -13.64 4.87
CA ALA A 50 1.72 -14.48 5.58
C ALA A 50 1.63 -15.87 4.94
N MET A 51 1.76 -15.94 3.61
CA MET A 51 1.69 -17.22 2.91
C MET A 51 2.78 -18.17 3.35
N GLU A 52 3.87 -17.67 3.94
CA GLU A 52 4.98 -18.50 4.38
C GLU A 52 4.85 -18.93 5.84
N LEU A 53 3.90 -18.37 6.59
CA LEU A 53 3.84 -18.61 8.02
C LEU A 53 3.12 -19.91 8.35
N SER A 54 3.64 -20.61 9.35
CA SER A 54 2.94 -21.79 9.87
CA SER A 54 2.93 -21.79 9.86
C SER A 54 1.76 -21.39 10.76
N GLU A 55 1.84 -20.21 11.37
CA GLU A 55 0.76 -19.72 12.21
C GLU A 55 -0.53 -19.55 11.40
N LYS A 56 -1.66 -19.77 12.07
CA LYS A 56 -2.98 -19.66 11.45
C LYS A 56 -3.76 -18.45 11.95
N LYS A 57 -3.12 -17.55 12.69
CA LYS A 57 -3.76 -16.36 13.21
C LYS A 57 -2.91 -15.14 12.90
N ILE A 58 -3.54 -14.10 12.36
CA ILE A 58 -2.86 -12.88 11.94
C ILE A 58 -3.60 -11.68 12.51
N LEU A 59 -2.87 -10.77 13.12
CA LEU A 59 -3.38 -9.46 13.50
C LEU A 59 -2.80 -8.44 12.51
N PHE A 60 -3.67 -7.84 11.72
CA PHE A 60 -3.22 -6.94 10.66
C PHE A 60 -3.43 -5.49 11.07
N LEU A 61 -2.40 -4.67 10.83
CA LEU A 61 -2.42 -3.25 11.18
C LEU A 61 -2.26 -2.46 9.88
N GLY A 62 -3.37 -1.97 9.34
CA GLY A 62 -3.40 -1.17 8.14
C GLY A 62 -4.80 -0.68 7.81
N VAL A 63 -5.24 -0.89 6.57
CA VAL A 63 -6.60 -0.56 6.15
C VAL A 63 -7.23 -1.79 5.51
N ASP A 64 -8.54 -1.71 5.28
CA ASP A 64 -9.33 -2.93 5.08
C ASP A 64 -8.95 -3.66 3.80
N PHE A 65 -8.67 -2.93 2.71
CA PHE A 65 -8.32 -3.64 1.47
C PHE A 65 -7.01 -4.39 1.60
N MET A 66 -6.14 -3.96 2.51
CA MET A 66 -4.88 -4.66 2.73
C MET A 66 -5.09 -5.94 3.53
N ALA A 67 -5.87 -5.85 4.62
CA ALA A 67 -6.19 -7.04 5.38
C ALA A 67 -6.95 -8.05 4.54
N GLU A 68 -7.87 -7.57 3.71
CA GLU A 68 -8.59 -8.47 2.81
C GLU A 68 -7.65 -9.10 1.79
N LEU A 69 -6.64 -8.34 1.35
CA LEU A 69 -5.61 -8.92 0.48
C LEU A 69 -4.89 -10.07 1.17
N VAL A 70 -4.52 -9.86 2.44
CA VAL A 70 -3.96 -10.95 3.24
C VAL A 70 -4.92 -12.14 3.26
N LYS A 71 -6.20 -11.86 3.54
CA LYS A 71 -7.19 -12.92 3.62
C LYS A 71 -7.34 -13.66 2.29
N ILE A 72 -7.33 -12.92 1.17
CA ILE A 72 -7.54 -13.54 -0.12
C ILE A 72 -6.44 -14.55 -0.42
N LEU A 73 -5.19 -14.18 -0.13
CA LEU A 73 -4.06 -15.07 -0.32
C LEU A 73 -3.82 -16.02 0.86
N ASN A 74 -4.57 -15.85 1.96
CA ASN A 74 -4.45 -16.72 3.12
C ASN A 74 -5.86 -17.04 3.64
N PRO A 75 -6.67 -17.75 2.85
CA PRO A 75 -8.09 -17.89 3.19
C PRO A 75 -8.35 -18.73 4.44
N ASP A 76 -7.41 -19.59 4.83
CA ASP A 76 -7.61 -20.49 5.97
C ASP A 76 -7.03 -19.95 7.27
N LYS A 77 -6.52 -18.72 7.27
CA LYS A 77 -6.04 -18.07 8.48
C LYS A 77 -7.09 -17.08 8.98
N LYS A 78 -7.15 -16.92 10.30
CA LYS A 78 -8.04 -15.92 10.90
C LYS A 78 -7.31 -14.58 10.92
N VAL A 79 -7.81 -13.63 10.14
CA VAL A 79 -7.23 -12.30 10.06
C VAL A 79 -8.15 -11.35 10.81
N ILE A 80 -7.59 -10.65 11.80
CA ILE A 80 -8.37 -9.67 12.55
C ILE A 80 -7.73 -8.30 12.40
N VAL A 81 -8.55 -7.26 12.57
CA VAL A 81 -8.12 -5.88 12.53
C VAL A 81 -8.67 -5.16 13.77
N PRO A 82 -7.98 -4.16 14.31
CA PRO A 82 -8.46 -3.50 15.53
C PRO A 82 -9.53 -2.45 15.29
N ASP A 83 -9.51 -1.83 14.10
CA ASP A 83 -10.53 -0.86 13.71
C ASP A 83 -11.12 -1.33 12.38
N ARG A 84 -12.34 -1.84 12.41
CA ARG A 84 -12.99 -2.36 11.20
C ARG A 84 -13.39 -1.27 10.23
N SER A 85 -13.35 0.00 10.63
CA SER A 85 -13.67 1.10 9.74
C SER A 85 -12.44 1.69 9.07
N ALA A 86 -11.25 1.17 9.37
CA ALA A 86 -10.05 1.63 8.68
C ALA A 86 -10.14 1.28 7.20
N THR A 87 -10.21 2.31 6.36
CA THR A 87 -10.48 2.11 4.94
C THR A 87 -9.66 3.09 4.11
N CYS A 88 -9.74 2.95 2.79
CA CYS A 88 -9.03 3.81 1.87
C CYS A 88 -10.04 4.59 1.02
N PRO A 89 -10.13 5.91 1.16
CA PRO A 89 -11.14 6.65 0.39
C PRO A 89 -10.89 6.65 -1.11
N MET A 90 -9.62 6.61 -1.53
CA MET A 90 -9.32 6.54 -2.96
C MET A 90 -9.84 5.25 -3.57
N ALA A 91 -9.60 4.12 -2.89
CA ALA A 91 -10.08 2.83 -3.39
C ALA A 91 -11.60 2.81 -3.47
N ASN A 92 -12.27 3.37 -2.46
CA ASN A 92 -13.73 3.32 -2.40
C ASN A 92 -14.41 4.20 -3.44
N ARG A 93 -13.67 5.07 -4.13
CA ARG A 93 -14.27 5.91 -5.17
C ARG A 93 -14.48 5.16 -6.48
N LEU A 94 -13.79 4.04 -6.69
CA LEU A 94 -14.02 3.20 -7.85
C LEU A 94 -15.09 2.17 -7.52
N THR A 95 -16.02 1.97 -8.44
CA THR A 95 -17.18 1.15 -8.22
C THR A 95 -17.30 0.10 -9.32
N PRO A 96 -17.99 -1.02 -9.04
CA PRO A 96 -18.29 -1.99 -10.10
C PRO A 96 -18.98 -1.36 -11.30
N GLU A 97 -19.87 -0.41 -11.06
CA GLU A 97 -20.61 0.23 -12.15
C GLU A 97 -19.67 0.99 -13.08
N ILE A 98 -18.68 1.68 -12.52
CA ILE A 98 -17.75 2.44 -13.35
C ILE A 98 -16.86 1.49 -14.16
N ILE A 99 -16.44 0.38 -13.55
CA ILE A 99 -15.60 -0.58 -14.27
C ILE A 99 -16.36 -1.14 -15.46
N ARG A 100 -17.61 -1.57 -15.24
CA ARG A 100 -18.40 -2.15 -16.33
C ARG A 100 -18.74 -1.12 -17.39
N GLU A 101 -18.91 0.15 -16.99
CA GLU A 101 -19.19 1.19 -17.97
C GLU A 101 -18.02 1.36 -18.93
N TYR A 102 -16.80 1.30 -18.42
CA TYR A 102 -15.63 1.50 -19.27
C TYR A 102 -15.25 0.23 -20.02
N ARG A 103 -15.48 -0.93 -19.42
CA ARG A 103 -15.33 -2.18 -20.16
C ARG A 103 -16.19 -2.17 -21.42
N GLU A 104 -17.42 -1.67 -21.31
CA GLU A 104 -18.31 -1.60 -22.46
C GLU A 104 -17.86 -0.55 -23.47
N LYS A 105 -17.29 0.55 -23.00
CA LYS A 105 -16.81 1.58 -23.92
C LYS A 105 -15.53 1.15 -24.63
N PHE A 106 -14.67 0.39 -23.96
CA PHE A 106 -13.39 -0.06 -24.51
C PHE A 106 -13.23 -1.54 -24.21
N PRO A 107 -13.87 -2.42 -24.98
CA PRO A 107 -13.87 -3.85 -24.66
C PRO A 107 -12.56 -4.56 -24.96
N ASP A 108 -11.60 -3.91 -25.62
CA ASP A 108 -10.32 -4.52 -25.93
C ASP A 108 -9.22 -4.12 -24.95
N ALA A 109 -9.52 -3.23 -24.01
CA ALA A 109 -8.53 -2.73 -23.07
C ALA A 109 -8.61 -3.48 -21.76
N PRO A 110 -7.55 -4.16 -21.34
CA PRO A 110 -7.57 -4.86 -20.05
C PRO A 110 -7.75 -3.90 -18.90
N VAL A 111 -8.43 -4.36 -17.86
CA VAL A 111 -8.67 -3.57 -16.66
C VAL A 111 -7.53 -3.86 -15.68
N VAL A 112 -6.64 -2.88 -15.49
CA VAL A 112 -5.53 -2.98 -14.57
C VAL A 112 -5.91 -2.25 -13.29
N LEU A 113 -5.99 -2.98 -12.18
CA LEU A 113 -6.44 -2.42 -10.91
CA LEU A 113 -6.45 -2.43 -10.92
C LEU A 113 -5.28 -2.36 -9.94
N TYR A 114 -4.94 -1.15 -9.50
CA TYR A 114 -4.00 -0.92 -8.43
C TYR A 114 -4.43 -1.73 -7.21
N VAL A 115 -3.45 -2.34 -6.52
CA VAL A 115 -3.74 -3.21 -5.39
C VAL A 115 -4.56 -2.43 -4.37
N ASN A 116 -4.49 -1.10 -4.47
CA ASN A 116 -5.26 -0.21 -3.62
C ASN A 116 -6.67 -0.09 -4.18
N SER A 117 -7.50 -1.08 -3.88
CA SER A 117 -8.83 -1.17 -4.46
C SER A 117 -9.68 -2.08 -3.58
N THR A 118 -11.00 -1.87 -3.64
CA THR A 118 -11.91 -2.75 -2.93
C THR A 118 -11.76 -4.17 -3.47
N SER A 119 -11.92 -5.15 -2.57
CA SER A 119 -11.89 -6.55 -2.97
C SER A 119 -12.95 -6.84 -4.03
N GLU A 120 -14.13 -6.22 -3.89
CA GLU A 120 -15.19 -6.38 -4.87
C GLU A 120 -14.72 -5.93 -6.26
N CYS A 121 -14.02 -4.81 -6.33
CA CYS A 121 -13.50 -4.36 -7.62
C CYS A 121 -12.44 -5.33 -8.14
N LYS A 122 -11.66 -5.94 -7.25
CA LYS A 122 -10.64 -6.89 -7.67
C LYS A 122 -11.26 -8.08 -8.38
N THR A 123 -12.47 -8.50 -7.96
CA THR A 123 -13.16 -9.57 -8.66
C THR A 123 -13.49 -9.22 -10.10
N LEU A 124 -13.39 -7.96 -10.48
CA LEU A 124 -13.74 -7.50 -11.83
C LEU A 124 -12.54 -7.09 -12.66
N ALA A 125 -11.33 -7.21 -12.14
CA ALA A 125 -10.13 -6.78 -12.84
C ALA A 125 -9.55 -7.90 -13.68
N ASP A 126 -8.87 -7.52 -14.76
CA ASP A 126 -8.11 -8.48 -15.55
C ASP A 126 -6.74 -8.76 -14.93
N VAL A 127 -6.13 -7.75 -14.30
CA VAL A 127 -4.87 -7.93 -13.59
C VAL A 127 -4.78 -6.91 -12.48
N ILE A 128 -4.07 -7.29 -11.41
CA ILE A 128 -3.77 -6.41 -10.29
C ILE A 128 -2.34 -5.91 -10.45
N CYS A 129 -2.03 -4.77 -9.84
CA CYS A 129 -0.67 -4.26 -9.83
C CYS A 129 -0.42 -3.48 -8.56
N THR A 130 0.86 -3.34 -8.23
CA THR A 130 1.33 -2.49 -7.15
C THR A 130 2.02 -1.27 -7.75
N ALA A 131 2.29 -0.28 -6.90
CA ALA A 131 3.04 0.88 -7.34
C ALA A 131 4.42 0.47 -7.85
N ALA A 132 4.99 -0.60 -7.30
CA ALA A 132 6.32 -1.03 -7.69
C ALA A 132 6.32 -1.69 -9.07
N ASN A 133 5.34 -2.56 -9.35
CA ASN A 133 5.35 -3.37 -10.55
C ASN A 133 4.37 -2.89 -11.62
N ALA A 134 3.75 -1.72 -11.43
CA ALA A 134 2.71 -1.28 -12.36
C ALA A 134 3.27 -1.03 -13.75
N VAL A 135 4.44 -0.40 -13.83
CA VAL A 135 5.04 -0.09 -15.13
C VAL A 135 5.33 -1.37 -15.90
N GLU A 136 5.88 -2.37 -15.20
CA GLU A 136 6.26 -3.62 -15.88
C GLU A 136 5.04 -4.45 -16.23
N VAL A 137 4.05 -4.49 -15.34
CA VAL A 137 2.82 -5.26 -15.63
C VAL A 137 2.16 -4.75 -16.91
N VAL A 138 2.10 -3.43 -17.08
CA VAL A 138 1.41 -2.86 -18.24
C VAL A 138 2.25 -2.99 -19.51
N LYS A 139 3.57 -2.87 -19.38
CA LYS A 139 4.45 -3.16 -20.51
C LYS A 139 4.21 -4.57 -21.05
N LYS A 140 4.07 -5.54 -20.15
CA LYS A 140 4.00 -6.93 -20.56
C LYS A 140 2.65 -7.31 -21.14
N LEU A 141 1.58 -6.57 -20.82
CA LEU A 141 0.29 -6.84 -21.43
C LEU A 141 0.36 -6.64 -22.94
N ASP A 142 -0.43 -7.43 -23.66
CA ASP A 142 -0.43 -7.34 -25.12
C ASP A 142 -0.97 -6.00 -25.59
N SER A 143 -2.11 -5.58 -25.04
CA SER A 143 -2.77 -4.36 -25.50
C SER A 143 -1.91 -3.13 -25.24
N SER A 144 -1.94 -2.20 -26.17
CA SER A 144 -1.35 -0.88 -26.01
C SER A 144 -2.32 0.12 -25.38
N VAL A 145 -3.49 -0.35 -24.97
CA VAL A 145 -4.49 0.46 -24.28
C VAL A 145 -4.95 -0.32 -23.06
N VAL A 146 -4.94 0.33 -21.89
CA VAL A 146 -5.43 -0.31 -20.67
C VAL A 146 -6.35 0.67 -19.94
N ILE A 147 -7.32 0.09 -19.24
CA ILE A 147 -8.10 0.80 -18.23
C ILE A 147 -7.39 0.63 -16.90
N PHE A 148 -7.13 1.74 -16.21
CA PHE A 148 -6.35 1.72 -14.99
C PHE A 148 -7.09 2.49 -13.90
N GLY A 149 -7.12 1.93 -12.70
CA GLY A 149 -7.74 2.58 -11.56
C GLY A 149 -7.22 2.02 -10.26
N PRO A 150 -7.49 2.71 -9.14
CA PRO A 150 -8.28 3.94 -9.08
C PRO A 150 -7.46 5.21 -8.83
N ASP A 151 -6.16 5.19 -9.12
CA ASP A 151 -5.31 6.37 -8.91
C ASP A 151 -4.90 6.91 -10.29
N ARG A 152 -5.21 8.19 -10.53
CA ARG A 152 -4.92 8.79 -11.82
C ARG A 152 -3.43 9.13 -11.96
N ASN A 153 -2.77 9.48 -10.85
CA ASN A 153 -1.36 9.85 -10.92
C ASN A 153 -0.48 8.65 -11.23
N LEU A 154 -0.72 7.52 -10.56
CA LEU A 154 0.00 6.30 -10.91
C LEU A 154 -0.30 5.87 -12.34
N GLY A 155 -1.56 6.03 -12.76
CA GLY A 155 -1.92 5.68 -14.13
C GLY A 155 -1.21 6.55 -15.15
N GLU A 156 -1.10 7.86 -14.89
CA GLU A 156 -0.42 8.74 -15.82
C GLU A 156 1.09 8.54 -15.78
N TYR A 157 1.63 8.13 -14.63
CA TYR A 157 3.04 7.75 -14.57
C TYR A 157 3.31 6.50 -15.38
N VAL A 158 2.40 5.52 -15.31
CA VAL A 158 2.54 4.30 -16.10
C VAL A 158 2.54 4.62 -17.59
N ALA A 159 1.67 5.54 -18.02
CA ALA A 159 1.62 5.93 -19.42
C ALA A 159 2.94 6.56 -19.88
N GLU A 160 3.48 7.46 -19.06
CA GLU A 160 4.79 8.05 -19.36
C GLU A 160 5.86 7.00 -19.56
N LYS A 161 5.86 5.98 -18.70
CA LYS A 161 6.95 5.01 -18.69
C LYS A 161 6.76 3.93 -19.75
N THR A 162 5.52 3.48 -19.97
CA THR A 162 5.26 2.45 -20.96
C THR A 162 5.02 2.99 -22.35
N GLY A 163 4.68 4.27 -22.49
CA GLY A 163 4.26 4.78 -23.78
C GLY A 163 2.92 4.29 -24.24
N LYS A 164 2.20 3.55 -23.41
CA LYS A 164 0.89 3.03 -23.78
C LYS A 164 -0.22 3.98 -23.33
N LYS A 165 -1.39 3.80 -23.93
CA LYS A 165 -2.54 4.62 -23.59
C LYS A 165 -3.20 4.06 -22.33
N VAL A 166 -3.39 4.93 -21.34
CA VAL A 166 -3.87 4.53 -20.03
C VAL A 166 -5.11 5.35 -19.70
N ILE A 167 -6.26 4.69 -19.68
CA ILE A 167 -7.55 5.33 -19.42
C ILE A 167 -7.86 5.16 -17.94
N THR A 168 -7.81 6.25 -17.18
CA THR A 168 -7.94 6.18 -15.74
C THR A 168 -9.38 6.35 -15.29
N ILE A 169 -9.79 5.53 -14.32
CA ILE A 169 -11.10 5.61 -13.70
C ILE A 169 -10.93 5.56 -12.19
N PRO A 170 -11.77 6.26 -11.41
CA PRO A 170 -12.82 7.17 -11.88
C PRO A 170 -12.22 8.52 -12.27
N GLU A 171 -13.06 9.54 -12.43
CA GLU A 171 -12.55 10.88 -12.71
CA GLU A 171 -12.53 10.86 -12.71
C GLU A 171 -11.89 11.45 -11.46
N ASN A 172 -10.66 11.96 -11.62
CA ASN A 172 -9.91 12.59 -10.54
C ASN A 172 -9.62 11.62 -9.40
N GLY A 173 -9.39 10.35 -9.72
CA GLY A 173 -9.00 9.38 -8.71
C GLY A 173 -7.60 9.71 -8.19
N HIS A 174 -7.48 9.87 -6.87
CA HIS A 174 -6.21 10.35 -6.32
C HIS A 174 -6.17 10.03 -4.83
N CYS A 175 -4.96 10.11 -4.27
CA CYS A 175 -4.73 9.96 -2.84
C CYS A 175 -4.48 11.33 -2.23
N PRO A 176 -5.31 11.78 -1.29
CA PRO A 176 -5.09 13.11 -0.69
C PRO A 176 -3.78 13.24 0.06
N VAL A 177 -3.21 12.13 0.55
CA VAL A 177 -2.01 12.21 1.38
C VAL A 177 -0.78 12.58 0.55
N HIS A 178 -0.80 12.30 -0.75
CA HIS A 178 0.37 12.46 -1.60
C HIS A 178 0.29 13.70 -2.47
N GLN A 179 -0.63 14.63 -2.21
CA GLN A 179 -0.74 15.84 -3.00
C GLN A 179 0.22 16.90 -2.45
N PHE A 180 1.51 16.62 -2.58
CA PHE A 180 2.53 17.58 -2.19
C PHE A 180 2.63 18.72 -3.21
N ASN A 181 3.21 19.83 -2.77
CA ASN A 181 3.49 20.95 -3.66
C ASN A 181 4.91 20.81 -4.19
N ALA A 182 5.08 21.07 -5.49
CA ALA A 182 6.41 21.08 -6.08
C ALA A 182 7.28 22.19 -5.52
N GLU A 183 6.68 23.24 -4.96
CA GLU A 183 7.45 24.28 -4.30
C GLU A 183 8.14 23.78 -3.04
N SER A 184 7.64 22.68 -2.45
CA SER A 184 8.32 22.10 -1.30
C SER A 184 9.63 21.43 -1.70
N ILE A 185 9.75 20.98 -2.94
CA ILE A 185 11.02 20.42 -3.40
C ILE A 185 12.03 21.53 -3.67
N ASP A 186 11.56 22.66 -4.21
CA ASP A 186 12.43 23.82 -4.37
C ASP A 186 12.99 24.28 -3.04
N ALA A 187 12.13 24.40 -2.03
CA ALA A 187 12.57 24.91 -0.73
C ALA A 187 13.52 23.93 -0.04
N VAL A 188 13.31 22.63 -0.25
CA VAL A 188 14.12 21.65 0.47
C VAL A 188 15.48 21.45 -0.19
N ARG A 189 15.58 21.70 -1.50
CA ARG A 189 16.88 21.62 -2.16
C ARG A 189 17.75 22.82 -1.80
N LYS A 190 17.15 23.95 -1.45
CA LYS A 190 17.92 25.07 -0.92
C LYS A 190 18.46 24.73 0.47
N LYS A 191 17.64 24.10 1.30
CA LYS A 191 18.05 23.78 2.66
C LYS A 191 19.09 22.67 2.68
N TYR A 192 18.86 21.59 1.92
CA TYR A 192 19.77 20.45 1.83
C TYR A 192 20.19 20.28 0.37
N PRO A 193 21.23 21.01 -0.07
CA PRO A 193 21.59 20.97 -1.50
C PRO A 193 22.09 19.61 -1.98
N ASP A 194 22.55 18.74 -1.09
CA ASP A 194 23.04 17.42 -1.47
C ASP A 194 22.07 16.30 -1.12
N ALA A 195 20.87 16.64 -0.68
CA ALA A 195 19.88 15.62 -0.36
C ALA A 195 19.24 15.05 -1.62
N LYS A 196 18.88 13.78 -1.55
CA LYS A 196 18.14 13.11 -2.61
C LYS A 196 16.65 13.11 -2.25
N VAL A 197 15.81 13.44 -3.23
CA VAL A 197 14.37 13.54 -3.03
C VAL A 197 13.71 12.31 -3.64
N ILE A 198 12.98 11.57 -2.81
CA ILE A 198 12.23 10.39 -3.24
C ILE A 198 10.76 10.64 -2.96
N VAL A 199 9.93 10.50 -3.99
CA VAL A 199 8.50 10.69 -3.85
C VAL A 199 7.76 9.49 -4.42
N HIS A 200 6.54 9.27 -3.91
CA HIS A 200 5.71 8.19 -4.37
C HIS A 200 5.17 8.49 -5.77
N PRO A 201 4.90 7.45 -6.57
CA PRO A 201 4.26 7.67 -7.88
C PRO A 201 2.84 8.20 -7.77
N GLU A 202 2.20 8.09 -6.61
CA GLU A 202 0.89 8.70 -6.38
C GLU A 202 0.95 10.22 -6.34
N CYS A 203 2.14 10.80 -6.26
CA CYS A 203 2.25 12.26 -6.22
C CYS A 203 1.94 12.84 -7.59
N PRO A 204 1.46 14.09 -7.64
CA PRO A 204 1.20 14.74 -8.93
C PRO A 204 2.47 14.87 -9.75
N LYS A 205 2.28 15.04 -11.06
CA LYS A 205 3.40 15.05 -12.00
C LYS A 205 4.46 16.10 -11.69
N PRO A 206 4.12 17.36 -11.40
CA PRO A 206 5.18 18.33 -11.04
C PRO A 206 6.04 17.89 -9.87
N VAL A 207 5.47 17.13 -8.94
CA VAL A 207 6.26 16.62 -7.81
C VAL A 207 7.19 15.51 -8.29
N ARG A 208 6.65 14.56 -9.06
CA ARG A 208 7.45 13.45 -9.55
C ARG A 208 8.59 13.93 -10.43
N ASP A 209 8.34 14.95 -11.25
CA ASP A 209 9.35 15.43 -12.20
C ASP A 209 10.50 16.17 -11.54
N LYS A 210 10.27 16.77 -10.37
CA LYS A 210 11.31 17.46 -9.63
C LYS A 210 12.06 16.56 -8.66
N ALA A 211 11.67 15.30 -8.56
CA ALA A 211 12.29 14.39 -7.60
C ALA A 211 13.46 13.65 -8.24
N ASP A 212 14.42 13.25 -7.38
CA ASP A 212 15.53 12.43 -7.83
C ASP A 212 15.09 11.00 -8.11
N TYR A 213 14.22 10.45 -7.27
CA TYR A 213 13.65 9.12 -7.48
C TYR A 213 12.14 9.20 -7.37
N VAL A 214 11.47 8.25 -8.03
CA VAL A 214 10.04 8.00 -7.85
C VAL A 214 9.88 6.52 -7.54
N GLY A 215 9.30 6.21 -6.39
CA GLY A 215 9.20 4.83 -5.96
C GLY A 215 8.12 4.63 -4.93
N SER A 216 7.59 3.41 -4.91
CA SER A 216 6.71 3.00 -3.82
C SER A 216 7.51 2.88 -2.53
N THR A 217 6.79 2.66 -1.42
CA THR A 217 7.43 2.55 -0.13
C THR A 217 8.42 1.38 -0.10
N GLY A 218 8.06 0.27 -0.75
CA GLY A 218 8.97 -0.85 -0.85
C GLY A 218 10.24 -0.51 -1.63
N GLN A 219 10.12 0.38 -2.60
CA GLN A 219 11.28 0.78 -3.39
C GLN A 219 12.09 1.87 -2.69
N MET A 220 11.42 2.74 -1.93
CA MET A 220 12.12 3.79 -1.19
C MET A 220 13.17 3.20 -0.26
N GLU A 221 12.83 2.11 0.44
CA GLU A 221 13.73 1.57 1.45
C GLU A 221 14.82 0.68 0.87
N LYS A 222 14.87 0.53 -0.46
CA LYS A 222 16.02 -0.10 -1.11
C LYS A 222 16.94 0.91 -1.76
N ILE A 223 16.52 2.17 -1.87
CA ILE A 223 17.36 3.18 -2.52
C ILE A 223 18.63 3.47 -1.73
N PRO A 224 18.62 3.57 -0.39
CA PRO A 224 19.89 3.76 0.33
C PRO A 224 20.84 2.59 0.23
N GLU A 225 20.40 1.44 -0.28
CA GLU A 225 21.31 0.33 -0.53
C GLU A 225 22.23 0.59 -1.72
N ARG A 226 21.85 1.52 -2.60
CA ARG A 226 22.67 1.87 -3.75
C ARG A 226 22.99 3.35 -3.86
N ASP A 227 22.34 4.20 -3.06
CA ASP A 227 22.66 5.63 -3.04
C ASP A 227 23.35 5.96 -1.73
N PRO A 228 24.59 6.43 -1.74
CA PRO A 228 25.32 6.70 -0.50
C PRO A 228 24.93 7.99 0.20
N SER A 229 23.99 8.76 -0.35
CA SER A 229 23.69 10.09 0.17
C SER A 229 23.38 10.06 1.66
N ARG A 230 23.85 11.09 2.36
CA ARG A 230 23.60 11.21 3.80
C ARG A 230 22.13 11.50 4.08
N ILE A 231 21.50 12.34 3.26
CA ILE A 231 20.17 12.86 3.53
C ILE A 231 19.23 12.48 2.40
N PHE A 232 18.07 11.96 2.76
CA PHE A 232 16.99 11.69 1.82
C PHE A 232 15.75 12.45 2.27
N VAL A 233 15.07 13.07 1.31
CA VAL A 233 13.79 13.72 1.56
C VAL A 233 12.69 12.83 1.02
N ILE A 234 11.67 12.58 1.83
CA ILE A 234 10.68 11.53 1.59
C ILE A 234 9.33 12.15 1.33
N GLY A 235 8.80 11.94 0.12
CA GLY A 235 7.49 12.41 -0.24
C GLY A 235 6.42 11.34 -0.18
N THR A 236 6.16 10.81 1.02
CA THR A 236 5.07 9.88 1.24
C THR A 236 4.54 10.09 2.66
N GLU A 237 3.68 9.19 3.10
CA GLU A 237 3.06 9.32 4.41
C GLU A 237 4.11 9.24 5.51
N ILE A 238 3.82 9.90 6.63
CA ILE A 238 4.84 10.17 7.64
C ILE A 238 5.37 8.90 8.31
N GLY A 239 4.61 7.79 8.27
CA GLY A 239 5.03 6.58 8.93
C GLY A 239 6.27 5.96 8.31
N MET A 240 6.54 6.25 7.04
CA MET A 240 7.70 5.65 6.37
C MET A 240 9.00 6.21 6.90
N ILE A 241 8.99 7.43 7.43
CA ILE A 241 10.20 8.03 8.01
C ILE A 241 10.74 7.14 9.12
N HIS A 242 9.84 6.64 9.98
CA HIS A 242 10.26 5.78 11.08
C HIS A 242 10.82 4.46 10.55
N LYS A 243 10.16 3.87 9.55
CA LYS A 243 10.67 2.64 8.94
C LYS A 243 12.05 2.86 8.34
N LEU A 244 12.22 3.96 7.62
CA LEU A 244 13.49 4.23 6.95
C LEU A 244 14.60 4.49 7.96
N LYS A 245 14.33 5.34 8.96
CA LYS A 245 15.34 5.65 9.96
C LYS A 245 15.75 4.40 10.73
N LYS A 246 14.80 3.49 10.97
CA LYS A 246 15.12 2.25 11.66
C LYS A 246 15.99 1.35 10.79
N LYS A 247 15.73 1.33 9.47
CA LYS A 247 16.51 0.47 8.60
C LYS A 247 17.88 1.05 8.27
N PHE A 248 18.00 2.36 8.12
CA PHE A 248 19.27 3.02 7.82
C PHE A 248 19.54 4.10 8.85
N PRO A 249 19.94 3.72 10.07
CA PRO A 249 20.19 4.72 11.11
C PRO A 249 21.37 5.63 10.84
N ASP A 250 22.25 5.28 9.90
CA ASP A 250 23.38 6.13 9.55
C ASP A 250 23.01 7.23 8.56
N ARG A 251 21.75 7.29 8.13
CA ARG A 251 21.28 8.32 7.21
C ARG A 251 20.24 9.18 7.91
N GLU A 252 19.92 10.32 7.28
CA GLU A 252 18.88 11.21 7.77
C GLU A 252 17.72 11.23 6.77
N PHE A 253 16.50 11.15 7.29
CA PHE A 253 15.30 11.11 6.46
C PHE A 253 14.38 12.25 6.86
N VAL A 254 14.07 13.11 5.90
CA VAL A 254 13.34 14.35 6.13
C VAL A 254 12.02 14.27 5.38
N PRO A 255 10.88 14.51 6.03
CA PRO A 255 9.61 14.52 5.29
C PRO A 255 9.55 15.73 4.37
N LEU A 256 9.19 15.48 3.12
CA LEU A 256 8.97 16.56 2.18
C LEU A 256 7.95 17.55 2.73
N GLU A 257 6.80 17.04 3.18
CA GLU A 257 5.87 17.77 4.01
C GLU A 257 5.24 16.78 4.99
N MET A 258 4.65 17.31 6.06
CA MET A 258 3.93 16.47 6.98
C MET A 258 2.66 15.95 6.32
N ALA A 259 2.62 14.64 6.04
CA ALA A 259 1.48 14.02 5.38
C ALA A 259 1.01 12.85 6.24
N VAL A 260 -0.26 12.87 6.63
CA VAL A 260 -0.82 11.87 7.52
C VAL A 260 -2.08 11.29 6.88
N CYS A 261 -2.14 9.96 6.78
CA CYS A 261 -3.35 9.26 6.38
C CYS A 261 -4.15 8.96 7.64
N VAL A 262 -5.30 9.62 7.78
CA VAL A 262 -6.09 9.53 9.00
C VAL A 262 -6.56 8.11 9.25
N ASN A 263 -6.94 7.40 8.19
CA ASN A 263 -7.40 6.04 8.36
C ASN A 263 -6.30 5.11 8.83
N MET A 264 -5.05 5.36 8.40
CA MET A 264 -3.93 4.56 8.91
C MET A 264 -3.70 4.81 10.39
N LYS A 265 -4.03 6.02 10.86
CA LYS A 265 -3.83 6.40 12.24
C LYS A 265 -4.99 6.01 13.14
N LYS A 266 -6.00 5.32 12.60
CA LYS A 266 -7.07 4.80 13.44
C LYS A 266 -6.60 3.66 14.32
N ASN A 267 -5.55 2.95 13.90
CA ASN A 267 -5.01 1.86 14.69
C ASN A 267 -4.09 2.43 15.78
N THR A 268 -4.36 2.05 17.02
CA THR A 268 -3.61 2.54 18.17
C THR A 268 -3.14 1.35 19.00
N LEU A 269 -2.31 1.64 20.00
CA LEU A 269 -1.94 0.62 20.98
C LEU A 269 -3.18 0.13 21.71
N GLU A 270 -4.11 1.03 22.03
CA GLU A 270 -5.28 0.66 22.83
C GLU A 270 -6.17 -0.33 22.09
N ASN A 271 -6.59 0.00 20.87
CA ASN A 271 -7.47 -0.92 20.16
C ASN A 271 -6.73 -2.11 19.57
N THR A 272 -5.40 -2.04 19.42
CA THR A 272 -4.64 -3.25 19.10
C THR A 272 -4.67 -4.23 20.26
N LEU A 273 -4.52 -3.71 21.49
CA LEU A 273 -4.63 -4.55 22.67
C LEU A 273 -6.03 -5.15 22.78
N HIS A 274 -7.06 -4.32 22.57
CA HIS A 274 -8.43 -4.80 22.57
C HIS A 274 -8.63 -5.91 21.54
N ALA A 275 -8.00 -5.78 20.38
CA ALA A 275 -8.12 -6.79 19.33
C ALA A 275 -7.57 -8.13 19.80
N LEU A 276 -6.43 -8.12 20.48
CA LEU A 276 -5.86 -9.37 20.97
C LEU A 276 -6.68 -9.94 22.12
N GLN A 277 -7.26 -9.07 22.96
CA GLN A 277 -8.06 -9.54 24.09
C GLN A 277 -9.32 -10.26 23.61
N THR A 278 -10.02 -9.68 22.64
CA THR A 278 -11.28 -10.24 22.14
C THR A 278 -11.10 -11.12 20.92
N GLU A 279 -9.95 -11.06 20.25
CA GLU A 279 -9.71 -11.74 18.98
C GLU A 279 -10.77 -11.36 17.95
N SER A 280 -10.89 -10.05 17.75
CA SER A 280 -11.77 -9.42 16.78
C SER A 280 -11.04 -8.17 16.29
N PHE A 281 -11.46 -7.63 15.14
CA PHE A 281 -12.57 -8.09 14.33
C PHE A 281 -12.09 -8.89 13.13
N GLU A 282 -12.66 -10.08 12.95
CA GLU A 282 -12.18 -10.96 11.89
C GLU A 282 -12.58 -10.43 10.52
N VAL A 283 -11.63 -10.49 9.59
CA VAL A 283 -11.87 -10.13 8.20
C VAL A 283 -12.48 -11.34 7.49
N ILE A 284 -13.73 -11.18 7.04
CA ILE A 284 -14.46 -12.26 6.40
C ILE A 284 -14.89 -11.80 5.01
N LEU A 285 -14.55 -12.60 4.01
CA LEU A 285 -15.00 -12.38 2.65
C LEU A 285 -15.82 -13.58 2.18
N PRO A 286 -16.79 -13.37 1.30
CA PRO A 286 -17.47 -14.51 0.68
C PRO A 286 -16.48 -15.35 -0.10
N LYS A 287 -16.67 -16.67 -0.05
CA LYS A 287 -15.76 -17.56 -0.76
C LYS A 287 -15.69 -17.23 -2.24
N GLU A 288 -16.81 -16.77 -2.82
CA GLU A 288 -16.82 -16.41 -4.23
C GLU A 288 -15.95 -15.18 -4.50
N VAL A 289 -15.94 -14.22 -3.57
CA VAL A 289 -15.09 -13.04 -3.72
C VAL A 289 -13.63 -13.44 -3.74
N ILE A 290 -13.24 -14.37 -2.87
CA ILE A 290 -11.85 -14.81 -2.81
C ILE A 290 -11.46 -15.51 -4.11
N GLU A 291 -12.30 -16.43 -4.58
CA GLU A 291 -12.00 -17.18 -5.79
CA GLU A 291 -11.97 -17.17 -5.78
C GLU A 291 -11.87 -16.25 -7.00
N LYS A 292 -12.73 -15.23 -7.06
CA LYS A 292 -12.71 -14.32 -8.21
C LYS A 292 -11.56 -13.33 -8.14
N ALA A 293 -11.31 -12.76 -6.96
CA ALA A 293 -10.24 -11.77 -6.85
C ALA A 293 -8.86 -12.40 -7.02
N LYS A 294 -8.74 -13.70 -6.77
CA LYS A 294 -7.45 -14.37 -6.93
C LYS A 294 -6.99 -14.37 -8.38
N LYS A 295 -7.93 -14.46 -9.34
CA LYS A 295 -7.56 -14.55 -10.74
C LYS A 295 -6.69 -13.38 -11.20
N PRO A 296 -7.09 -12.11 -11.03
CA PRO A 296 -6.19 -11.02 -11.43
C PRO A 296 -4.92 -10.93 -10.59
N ILE A 297 -4.92 -11.46 -9.36
CA ILE A 297 -3.70 -11.48 -8.56
C ILE A 297 -2.72 -12.51 -9.11
N LEU A 298 -3.22 -13.71 -9.42
CA LEU A 298 -2.37 -14.73 -10.02
C LEU A 298 -1.88 -14.32 -11.39
N ARG A 299 -2.71 -13.60 -12.15
CA ARG A 299 -2.28 -13.06 -13.43
C ARG A 299 -1.09 -12.12 -13.25
N MET A 300 -1.06 -11.39 -12.13
CA MET A 300 0.04 -10.47 -11.87
C MET A 300 1.33 -11.23 -11.55
N PHE A 301 1.23 -12.27 -10.70
CA PHE A 301 2.39 -13.10 -10.42
C PHE A 301 2.97 -13.69 -11.69
N GLU A 302 2.10 -14.23 -12.56
CA GLU A 302 2.57 -14.86 -13.79
C GLU A 302 3.31 -13.87 -14.68
N LEU A 303 2.76 -12.66 -14.83
CA LEU A 303 3.43 -11.63 -15.63
C LEU A 303 4.77 -11.24 -15.02
N MET A 304 4.81 -11.11 -13.69
CA MET A 304 6.03 -10.63 -13.04
C MET A 304 7.12 -11.70 -13.05
N GLY A 305 6.80 -12.92 -12.64
CA GLY A 305 7.75 -14.00 -12.66
C GLY A 305 8.32 -14.27 -14.04
FE1 SF4 B . -3.65 7.45 0.38
FE2 SF4 B . -4.40 6.50 2.85
FE3 SF4 B . -2.84 4.97 1.20
FE4 SF4 B . -5.47 5.38 0.56
S1 SF4 B . -4.67 4.28 2.38
S2 SF4 B . -3.68 5.51 -0.85
S3 SF4 B . -5.74 7.53 1.31
S4 SF4 B . -2.28 6.97 2.15
CAC FLC C . -0.58 3.26 -0.26
CA FLC C . 0.72 2.58 0.17
CB FLC C . 1.35 1.87 -1.02
CBC FLC C . 2.80 1.48 -0.68
CG FLC C . 0.55 0.61 -1.37
CGC FLC C . 1.16 -0.65 -0.81
OA1 FLC C . -0.57 4.48 -0.59
OA2 FLC C . -1.65 2.61 -0.30
OB1 FLC C . 3.66 1.39 -1.59
OB2 FLC C . 3.12 1.26 0.51
OG1 FLC C . 1.90 -1.37 -1.53
OG2 FLC C . 0.94 -0.99 0.39
OHB FLC C . 1.37 2.74 -2.12
FE1 F3S D . -3.49 7.25 0.46
FE3 F3S D . -4.43 6.47 2.82
FE4 F3S D . -5.68 5.65 0.65
S1 F3S D . -2.29 6.63 2.23
S2 F3S D . -4.08 5.51 -0.93
S3 F3S D . -5.54 7.85 1.35
S4 F3S D . -5.27 4.39 2.48
C1 GOL E . -14.81 -14.47 16.63
O1 GOL E . -13.98 -13.37 16.40
C2 GOL E . -14.95 -15.22 15.31
O2 GOL E . -13.72 -15.68 14.85
C3 GOL E . -15.58 -14.19 14.35
O3 GOL E . -15.80 -14.85 13.15
C1 GOL F . -15.76 -6.98 3.06
O1 GOL F . -15.52 -8.00 3.97
C2 GOL F . -17.11 -7.30 2.39
O2 GOL F . -16.98 -8.26 1.40
C3 GOL F . -17.67 -5.96 1.86
O3 GOL F . -16.64 -5.02 1.94
C1 GOL G . -22.51 0.57 -15.87
O1 GOL G . -23.07 0.54 -14.61
C2 GOL G . -23.33 -0.39 -16.74
O2 GOL G . -23.17 -1.71 -16.35
C3 GOL G . -22.85 -0.11 -18.17
O3 GOL G . -22.10 -1.23 -18.55
C1 GOL H . 0.05 17.50 3.11
O1 GOL H . 1.22 17.84 2.45
C2 GOL H . -0.94 17.07 2.01
O2 GOL H . -0.41 16.07 1.21
C3 GOL H . -2.19 16.62 2.79
O3 GOL H . -1.77 15.73 3.78
C1 GOL I . 17.38 17.73 -10.03
O1 GOL I . 18.50 18.02 -10.82
C2 GOL I . 16.51 16.80 -10.87
O2 GOL I . 15.16 17.00 -10.65
C3 GOL I . 16.98 15.40 -10.45
O3 GOL I . 16.18 14.50 -11.15
C1 GOL J . -11.58 -18.22 8.90
O1 GOL J . -11.91 -19.24 8.02
C2 GOL J . -11.32 -18.88 10.27
O2 GOL J . -11.50 -18.02 11.32
C3 GOL J . -9.88 -19.39 10.13
O3 GOL J . -9.50 -19.74 11.43
CL CL K . -4.18 -20.38 4.48
CL CL L . 10.89 -7.69 -1.23
#